data_4W4W
#
_entry.id   4W4W
#
_cell.length_a   52.360
_cell.length_b   71.040
_cell.length_c   107.790
_cell.angle_alpha   90.00
_cell.angle_beta   90.00
_cell.angle_gamma   90.00
#
_symmetry.space_group_name_H-M   'P 21 21 21'
#
loop_
_entity.id
_entity.type
_entity.pdbx_description
1 polymer 'c-Jun N-terminal kinase 3'
2 non-polymer N-(2-methylpyridin-4-yl)-3-{4-[(phenylcarbamoyl)amino]-1H-pyrazol-1-yl}benzamide
3 water water
#
_entity_poly.entity_id   1
_entity_poly.type   'polypeptide(L)'
_entity_poly.pdbx_seq_one_letter_code
;MAMSKSKVDNQFYSVEVGDSTFTVLKRYQNLKPIGSGAQGIVCAAYDAVLDRNVAIKKLSRPFQNQTHAKRAYRELVLMK
CVNHKNIISLLNVFTPQKTLEEFQDVYLVMELMDANLCQVIQMELDHERMSYLLYQMLCGIKHLHSAGIIHRDLKPSNIV
VKSDCTLKILDFGLARTAGTSFMMTPYVVTRYYRAPEVILGMGYKENVDIWSVGCIMGEMVRHKILFPGRDYIDQWNKVI
EQLGTPCPEFMKKLQPTVRNYVENRPKYAGLTFPKLFPDSLFPADSEHNKLKASQARDLLSKMLVIDPAKRISVDDALQH
PYINVWYDPAEVEAPPPQIYDKQLDEREHTIEEWKELIYKEVMNSE
;
_entity_poly.pdbx_strand_id   A
#
loop_
_chem_comp.id
_chem_comp.type
_chem_comp.name
_chem_comp.formula
3HJ non-polymer N-(2-methylpyridin-4-yl)-3-{4-[(phenylcarbamoyl)amino]-1H-pyrazol-1-yl}benzamide 'C23 H20 N6 O2'
#
# COMPACT_ATOMS: atom_id res chain seq x y z
N ASP A 9 -24.64 -25.81 18.32
CA ASP A 9 -24.02 -25.56 19.61
C ASP A 9 -22.70 -24.78 19.42
N ASN A 10 -21.68 -25.41 18.78
CA ASN A 10 -20.39 -24.76 18.50
C ASN A 10 -20.65 -23.72 17.41
N GLN A 11 -20.25 -22.47 17.65
CA GLN A 11 -20.50 -21.41 16.68
C GLN A 11 -19.41 -21.37 15.56
N PHE A 12 -18.37 -22.22 15.66
CA PHE A 12 -17.25 -22.31 14.72
C PHE A 12 -17.15 -23.67 14.04
N TYR A 13 -16.43 -23.71 12.91
CA TYR A 13 -16.13 -24.94 12.19
C TYR A 13 -14.77 -24.78 11.51
N SER A 14 -14.07 -25.89 11.27
CA SER A 14 -12.73 -25.86 10.67
C SER A 14 -12.65 -26.49 9.30
N VAL A 15 -11.88 -25.86 8.41
CA VAL A 15 -11.58 -26.32 7.05
C VAL A 15 -10.11 -26.14 6.71
N GLU A 16 -9.58 -27.05 5.88
CA GLU A 16 -8.20 -26.97 5.42
C GLU A 16 -8.12 -26.16 4.17
N VAL A 17 -7.29 -25.11 4.18
CA VAL A 17 -7.08 -24.23 3.03
C VAL A 17 -5.58 -24.11 2.73
N GLY A 18 -5.08 -25.09 1.98
CA GLY A 18 -3.69 -25.23 1.54
C GLY A 18 -2.69 -25.12 2.68
N ASP A 19 -2.56 -26.21 3.48
CA ASP A 19 -1.71 -26.31 4.68
C ASP A 19 -2.40 -25.68 5.89
N SER A 20 -2.89 -24.42 5.75
CA SER A 20 -3.53 -23.65 6.82
C SER A 20 -4.91 -24.18 7.21
N THR A 21 -5.23 -24.11 8.51
CA THR A 21 -6.52 -24.50 9.06
C THR A 21 -7.32 -23.23 9.31
N PHE A 22 -8.49 -23.11 8.72
CA PHE A 22 -9.32 -21.93 8.93
C PHE A 22 -10.47 -22.34 9.84
N THR A 23 -10.52 -21.79 11.05
CA THR A 23 -11.60 -22.07 12.00
C THR A 23 -12.43 -20.81 12.04
N VAL A 24 -13.58 -20.85 11.39
CA VAL A 24 -14.42 -19.66 11.21
C VAL A 24 -15.83 -19.82 11.73
N LEU A 25 -16.55 -18.70 11.88
CA LEU A 25 -17.97 -18.65 12.26
C LEU A 25 -18.76 -19.36 11.17
N LYS A 26 -19.80 -20.12 11.56
CA LYS A 26 -20.64 -20.89 10.64
C LYS A 26 -21.35 -20.06 9.55
N ARG A 27 -21.50 -18.73 9.75
CA ARG A 27 -22.08 -17.83 8.75
C ARG A 27 -21.21 -17.79 7.47
N TYR A 28 -19.89 -18.06 7.58
CA TYR A 28 -18.95 -18.01 6.42
C TYR A 28 -18.81 -19.38 5.81
N GLN A 29 -19.24 -19.52 4.55
CA GLN A 29 -19.29 -20.80 3.87
C GLN A 29 -18.51 -20.80 2.57
N ASN A 30 -18.13 -22.01 2.10
CA ASN A 30 -17.46 -22.25 0.81
C ASN A 30 -16.16 -21.46 0.70
N LEU A 31 -15.27 -21.65 1.69
CA LEU A 31 -13.99 -20.93 1.67
C LEU A 31 -13.11 -21.38 0.51
N LYS A 32 -12.48 -20.43 -0.17
CA LYS A 32 -11.60 -20.68 -1.34
C LYS A 32 -10.37 -19.77 -1.26
N PRO A 33 -9.13 -20.26 -1.48
CA PRO A 33 -7.95 -19.38 -1.34
C PRO A 33 -7.92 -18.30 -2.43
N ILE A 34 -7.59 -17.08 -2.03
CA ILE A 34 -7.51 -15.95 -2.98
C ILE A 34 -6.17 -15.24 -2.91
N GLY A 35 -5.50 -15.32 -1.78
CA GLY A 35 -4.21 -14.64 -1.62
C GLY A 35 -3.35 -15.14 -0.50
N SER A 36 -2.07 -14.74 -0.55
CA SER A 36 -1.04 -15.06 0.42
C SER A 36 -0.15 -13.84 0.68
N GLY A 37 0.39 -13.80 1.90
CA GLY A 37 1.30 -12.77 2.41
C GLY A 37 1.99 -13.27 3.66
N ALA A 38 2.92 -12.46 4.18
CA ALA A 38 3.70 -12.77 5.39
C ALA A 38 2.82 -12.85 6.63
N GLN A 39 1.97 -11.83 6.80
CA GLN A 39 1.10 -11.62 7.94
C GLN A 39 -0.13 -12.56 7.95
N GLY A 40 -0.42 -13.21 6.82
CA GLY A 40 -1.55 -14.14 6.74
C GLY A 40 -2.02 -14.61 5.37
N ILE A 41 -2.88 -15.63 5.41
CA ILE A 41 -3.50 -16.27 4.25
C ILE A 41 -4.89 -15.64 4.09
N VAL A 42 -5.37 -15.47 2.85
CA VAL A 42 -6.67 -14.83 2.59
C VAL A 42 -7.61 -15.73 1.79
N CYS A 43 -8.87 -15.91 2.28
CA CYS A 43 -9.91 -16.69 1.60
C CYS A 43 -11.07 -15.86 1.15
N ALA A 44 -11.75 -16.29 0.09
CA ALA A 44 -13.03 -15.71 -0.31
C ALA A 44 -14.05 -16.62 0.42
N ALA A 45 -15.24 -16.09 0.74
CA ALA A 45 -16.29 -16.87 1.39
C ALA A 45 -17.62 -16.23 1.13
N TYR A 46 -18.68 -17.01 1.31
CA TYR A 46 -20.02 -16.48 1.24
C TYR A 46 -20.46 -16.23 2.70
N ASP A 47 -20.95 -15.02 2.97
CA ASP A 47 -21.46 -14.69 4.31
C ASP A 47 -22.97 -14.85 4.27
N ALA A 48 -23.46 -15.94 4.86
CA ALA A 48 -24.88 -16.27 4.87
C ALA A 48 -25.74 -15.25 5.63
N VAL A 49 -25.14 -14.51 6.57
CA VAL A 49 -25.87 -13.54 7.38
C VAL A 49 -26.11 -12.25 6.57
N LEU A 50 -25.06 -11.72 5.95
CA LEU A 50 -25.16 -10.50 5.15
C LEU A 50 -25.62 -10.78 3.74
N ASP A 51 -25.61 -12.07 3.32
CA ASP A 51 -25.99 -12.56 1.97
C ASP A 51 -25.07 -11.89 0.94
N ARG A 52 -23.76 -11.95 1.20
CA ARG A 52 -22.78 -11.33 0.32
C ARG A 52 -21.45 -12.05 0.42
N ASN A 53 -20.58 -11.85 -0.57
CA ASN A 53 -19.28 -12.47 -0.57
C ASN A 53 -18.30 -11.63 0.21
N VAL A 54 -17.38 -12.28 0.95
CA VAL A 54 -16.41 -11.60 1.81
C VAL A 54 -15.01 -12.20 1.62
N ALA A 55 -13.98 -11.47 2.06
CA ALA A 55 -12.62 -12.00 2.13
C ALA A 55 -12.30 -12.11 3.60
N ILE A 56 -11.69 -13.23 4.01
CA ILE A 56 -11.28 -13.53 5.38
C ILE A 56 -9.80 -13.73 5.43
N LYS A 57 -9.12 -12.93 6.23
CA LYS A 57 -7.67 -13.08 6.41
C LYS A 57 -7.42 -13.67 7.80
N LYS A 58 -6.53 -14.67 7.87
CA LYS A 58 -6.16 -15.30 9.14
C LYS A 58 -4.80 -14.82 9.55
N LEU A 59 -4.71 -14.28 10.78
CA LEU A 59 -3.45 -13.81 11.39
C LEU A 59 -3.07 -14.92 12.37
N SER A 60 -2.02 -15.71 12.08
CA SER A 60 -1.63 -16.82 12.97
C SER A 60 -0.67 -16.37 14.04
N ARG A 61 -1.11 -16.48 15.32
CA ARG A 61 -0.31 -16.08 16.51
C ARG A 61 0.39 -14.74 16.22
N PRO A 62 -0.37 -13.64 15.92
CA PRO A 62 0.29 -12.38 15.49
C PRO A 62 1.21 -11.75 16.54
N PHE A 63 1.15 -12.25 17.78
CA PHE A 63 1.94 -11.82 18.92
C PHE A 63 3.28 -12.56 18.99
N GLN A 64 3.52 -13.55 18.07
CA GLN A 64 4.74 -14.40 18.05
C GLN A 64 6.06 -13.61 18.01
N ASN A 65 6.07 -12.41 17.43
CA ASN A 65 7.26 -11.54 17.37
C ASN A 65 6.84 -10.07 17.23
N GLN A 66 7.78 -9.13 17.47
CA GLN A 66 7.61 -7.67 17.41
C GLN A 66 7.01 -7.15 16.11
N THR A 67 7.52 -7.65 14.96
CA THR A 67 7.07 -7.24 13.63
C THR A 67 5.59 -7.57 13.42
N HIS A 68 5.22 -8.84 13.57
CA HIS A 68 3.83 -9.24 13.40
C HIS A 68 2.91 -8.55 14.40
N ALA A 69 3.37 -8.43 15.66
CA ALA A 69 2.57 -7.84 16.74
C ALA A 69 2.26 -6.39 16.54
N LYS A 70 3.28 -5.52 16.25
CA LYS A 70 3.09 -4.09 16.02
C LYS A 70 2.11 -3.87 14.90
N ARG A 71 2.33 -4.54 13.76
CA ARG A 71 1.47 -4.46 12.57
C ARG A 71 0.04 -4.91 12.86
N ALA A 72 -0.17 -6.09 13.49
CA ALA A 72 -1.53 -6.57 13.79
C ALA A 72 -2.30 -5.60 14.68
N TYR A 73 -1.64 -5.15 15.77
CA TYR A 73 -2.23 -4.23 16.73
C TYR A 73 -2.52 -2.86 16.09
N ARG A 74 -1.52 -2.26 15.42
CA ARG A 74 -1.60 -0.98 14.72
C ARG A 74 -2.75 -1.00 13.75
N GLU A 75 -2.86 -2.09 12.96
CA GLU A 75 -3.91 -2.14 11.95
C GLU A 75 -5.28 -2.38 12.55
N LEU A 76 -5.40 -3.10 13.68
CA LEU A 76 -6.70 -3.28 14.34
C LEU A 76 -7.17 -1.96 14.95
N VAL A 77 -6.22 -1.16 15.44
CA VAL A 77 -6.49 0.14 16.04
C VAL A 77 -6.86 1.17 14.95
N LEU A 78 -6.02 1.31 13.91
CA LEU A 78 -6.15 2.31 12.85
C LEU A 78 -7.37 2.17 12.01
N MET A 79 -7.88 0.93 11.82
CA MET A 79 -9.08 0.70 11.03
C MET A 79 -10.30 1.40 11.64
N LYS A 80 -10.29 1.63 12.98
CA LYS A 80 -11.34 2.35 13.71
C LYS A 80 -11.19 3.88 13.59
N CYS A 81 -9.97 4.39 13.32
CA CYS A 81 -9.65 5.81 13.10
C CYS A 81 -10.01 6.27 11.68
N VAL A 82 -10.17 5.32 10.76
CA VAL A 82 -10.38 5.64 9.36
C VAL A 82 -11.78 5.24 8.83
N ASN A 83 -12.34 6.04 7.92
CA ASN A 83 -13.64 5.78 7.29
C ASN A 83 -13.68 6.44 5.92
N HIS A 84 -13.25 5.67 4.91
CA HIS A 84 -13.19 6.18 3.54
C HIS A 84 -13.35 5.04 2.57
N LYS A 85 -14.12 5.27 1.48
CA LYS A 85 -14.40 4.25 0.47
C LYS A 85 -13.16 3.68 -0.21
N ASN A 86 -12.02 4.42 -0.19
CA ASN A 86 -10.78 3.95 -0.82
C ASN A 86 -9.84 3.32 0.18
N ILE A 87 -10.30 3.13 1.43
CA ILE A 87 -9.47 2.50 2.46
C ILE A 87 -10.24 1.30 2.98
N ILE A 88 -9.52 0.22 3.28
CA ILE A 88 -10.06 -1.01 3.87
C ILE A 88 -11.00 -0.70 5.04
N SER A 89 -12.13 -1.35 5.06
CA SER A 89 -13.10 -1.27 6.16
C SER A 89 -13.38 -2.72 6.58
N LEU A 90 -13.41 -3.01 7.89
CA LEU A 90 -13.66 -4.38 8.33
C LEU A 90 -15.14 -4.60 8.60
N LEU A 91 -15.67 -5.73 8.14
CA LEU A 91 -17.05 -6.18 8.38
C LEU A 91 -17.11 -6.94 9.70
N ASN A 92 -16.02 -7.63 10.07
CA ASN A 92 -16.00 -8.43 11.28
C ASN A 92 -14.57 -8.72 11.69
N VAL A 93 -14.38 -9.00 12.98
CA VAL A 93 -13.10 -9.41 13.58
C VAL A 93 -13.48 -10.50 14.57
N PHE A 94 -12.75 -11.62 14.59
CA PHE A 94 -13.07 -12.65 15.59
C PHE A 94 -11.91 -13.58 15.84
N THR A 95 -11.99 -14.28 16.96
CA THR A 95 -11.08 -15.34 17.30
C THR A 95 -11.93 -16.53 17.70
N PRO A 96 -11.61 -17.75 17.23
CA PRO A 96 -12.35 -18.94 17.69
C PRO A 96 -12.04 -19.30 19.15
N GLN A 97 -10.86 -18.88 19.65
CA GLN A 97 -10.43 -19.19 21.03
C GLN A 97 -11.24 -18.41 22.06
N LYS A 98 -11.54 -19.08 23.19
CA LYS A 98 -12.45 -18.62 24.24
C LYS A 98 -11.84 -17.76 25.34
N THR A 99 -10.53 -17.82 25.55
CA THR A 99 -9.87 -17.05 26.63
C THR A 99 -8.55 -16.49 26.15
N LEU A 100 -7.98 -15.54 26.93
CA LEU A 100 -6.67 -14.98 26.64
C LEU A 100 -5.61 -16.09 26.63
N GLU A 101 -5.70 -17.01 27.59
CA GLU A 101 -4.75 -18.12 27.72
C GLU A 101 -4.73 -19.01 26.50
N GLU A 102 -5.91 -19.24 25.93
CA GLU A 102 -6.08 -20.10 24.75
C GLU A 102 -5.85 -19.37 23.43
N PHE A 103 -5.96 -18.03 23.43
CA PHE A 103 -5.86 -17.20 22.24
C PHE A 103 -4.64 -17.50 21.32
N GLN A 104 -4.93 -17.75 20.02
CA GLN A 104 -3.94 -18.04 18.99
C GLN A 104 -4.10 -17.15 17.76
N ASP A 105 -5.30 -17.15 17.15
CA ASP A 105 -5.51 -16.51 15.86
C ASP A 105 -6.59 -15.46 15.83
N VAL A 106 -6.40 -14.49 14.91
CA VAL A 106 -7.31 -13.37 14.59
C VAL A 106 -7.79 -13.53 13.16
N TYR A 107 -9.11 -13.41 12.96
CA TYR A 107 -9.68 -13.45 11.63
C TYR A 107 -10.32 -12.12 11.36
N LEU A 108 -9.94 -11.48 10.26
CA LEU A 108 -10.40 -10.19 9.78
C LEU A 108 -11.27 -10.44 8.55
N VAL A 109 -12.44 -9.81 8.52
CA VAL A 109 -13.41 -9.99 7.43
C VAL A 109 -13.68 -8.65 6.78
N MET A 110 -13.59 -8.59 5.44
CA MET A 110 -13.91 -7.40 4.66
C MET A 110 -14.69 -7.78 3.42
N GLU A 111 -15.15 -6.79 2.64
CA GLU A 111 -15.81 -7.01 1.35
C GLU A 111 -14.85 -7.78 0.42
N LEU A 112 -15.38 -8.74 -0.33
CA LEU A 112 -14.59 -9.49 -1.29
C LEU A 112 -14.37 -8.58 -2.49
N MET A 113 -13.10 -8.40 -2.87
CA MET A 113 -12.77 -7.61 -4.06
C MET A 113 -12.53 -8.60 -5.23
N ASP A 114 -12.16 -8.09 -6.42
CA ASP A 114 -12.02 -8.98 -7.55
C ASP A 114 -10.60 -9.27 -7.95
N ALA A 115 -9.68 -8.32 -7.67
CA ALA A 115 -8.27 -8.48 -8.03
C ALA A 115 -7.38 -7.61 -7.19
N ASN A 116 -6.10 -7.96 -7.20
CA ASN A 116 -4.99 -7.24 -6.63
C ASN A 116 -4.52 -6.27 -7.75
N LEU A 117 -3.90 -5.15 -7.40
CA LEU A 117 -3.43 -4.15 -8.39
C LEU A 117 -2.30 -4.71 -9.27
N CYS A 118 -1.56 -5.74 -8.77
CA CYS A 118 -0.53 -6.43 -9.57
C CYS A 118 -1.15 -7.00 -10.84
N GLN A 119 -2.35 -7.57 -10.73
CA GLN A 119 -3.06 -8.15 -11.87
C GLN A 119 -3.49 -7.05 -12.84
N VAL A 120 -3.96 -5.93 -12.32
CA VAL A 120 -4.48 -4.79 -13.11
C VAL A 120 -3.32 -4.11 -13.91
N ILE A 121 -2.14 -4.01 -13.28
CA ILE A 121 -0.90 -3.44 -13.87
C ILE A 121 -0.47 -4.20 -15.12
N GLN A 122 -0.72 -5.52 -15.15
CA GLN A 122 -0.34 -6.37 -16.27
C GLN A 122 -1.23 -6.12 -17.51
N MET A 123 -2.38 -5.49 -17.33
CA MET A 123 -3.35 -5.18 -18.41
C MET A 123 -3.05 -3.89 -19.13
N GLU A 124 -3.51 -3.80 -20.37
CA GLU A 124 -3.43 -2.57 -21.16
C GLU A 124 -4.69 -1.81 -20.75
N LEU A 125 -4.51 -0.67 -20.04
CA LEU A 125 -5.65 0.11 -19.55
C LEU A 125 -5.75 1.44 -20.27
N ASP A 126 -6.99 1.81 -20.58
CA ASP A 126 -7.27 3.10 -21.22
C ASP A 126 -6.98 4.23 -20.20
N HIS A 127 -6.93 5.48 -20.69
CA HIS A 127 -6.65 6.59 -19.81
C HIS A 127 -7.82 6.78 -18.80
N GLU A 128 -9.09 6.44 -19.16
CA GLU A 128 -10.21 6.57 -18.21
C GLU A 128 -9.99 5.70 -16.98
N ARG A 129 -9.59 4.46 -17.19
CA ARG A 129 -9.38 3.49 -16.10
C ARG A 129 -8.16 3.84 -15.29
N MET A 130 -7.02 4.12 -15.96
CA MET A 130 -5.79 4.50 -15.25
C MET A 130 -5.97 5.77 -14.40
N SER A 131 -6.57 6.85 -14.99
CA SER A 131 -6.74 8.10 -14.25
C SER A 131 -7.68 7.91 -13.06
N TYR A 132 -8.70 7.04 -13.21
CA TYR A 132 -9.65 6.72 -12.13
C TYR A 132 -9.00 5.94 -11.00
N LEU A 133 -8.13 4.96 -11.32
CA LEU A 133 -7.40 4.21 -10.29
C LEU A 133 -6.46 5.13 -9.54
N LEU A 134 -5.77 6.03 -10.26
CA LEU A 134 -4.85 6.97 -9.61
C LEU A 134 -5.58 7.97 -8.75
N TYR A 135 -6.73 8.50 -9.24
CA TYR A 135 -7.54 9.46 -8.50
C TYR A 135 -7.94 8.84 -7.13
N GLN A 136 -8.37 7.57 -7.15
CA GLN A 136 -8.80 6.84 -5.96
C GLN A 136 -7.66 6.55 -5.01
N MET A 137 -6.47 6.29 -5.54
CA MET A 137 -5.29 6.06 -4.70
C MET A 137 -4.97 7.37 -3.98
N LEU A 138 -5.03 8.49 -4.72
CA LEU A 138 -4.77 9.83 -4.17
C LEU A 138 -5.81 10.24 -3.11
N CYS A 139 -7.08 9.84 -3.32
CA CYS A 139 -8.17 10.10 -2.36
C CYS A 139 -7.89 9.36 -1.07
N GLY A 140 -7.54 8.07 -1.20
CA GLY A 140 -7.19 7.22 -0.06
C GLY A 140 -6.00 7.75 0.71
N ILE A 141 -4.91 8.12 0.00
CA ILE A 141 -3.71 8.70 0.62
C ILE A 141 -4.04 10.03 1.32
N LYS A 142 -4.87 10.91 0.67
CA LYS A 142 -5.32 12.19 1.24
C LYS A 142 -6.01 11.93 2.59
N HIS A 143 -7.00 11.02 2.61
CA HIS A 143 -7.73 10.62 3.82
C HIS A 143 -6.79 10.13 4.94
N LEU A 144 -5.81 9.28 4.60
CA LEU A 144 -4.82 8.77 5.57
C LEU A 144 -4.01 9.91 6.15
N HIS A 145 -3.56 10.84 5.30
CA HIS A 145 -2.78 12.00 5.71
C HIS A 145 -3.56 12.93 6.63
N SER A 146 -4.87 13.14 6.34
CA SER A 146 -5.77 13.94 7.16
C SER A 146 -5.95 13.35 8.57
N ALA A 147 -5.89 11.99 8.68
CA ALA A 147 -6.03 11.29 9.96
C ALA A 147 -4.68 11.09 10.70
N GLY A 148 -3.64 11.77 10.23
CA GLY A 148 -2.28 11.71 10.77
C GLY A 148 -1.51 10.45 10.42
N ILE A 149 -1.84 9.81 9.28
CA ILE A 149 -1.20 8.57 8.84
C ILE A 149 -0.45 8.78 7.52
N ILE A 150 0.90 8.75 7.56
CA ILE A 150 1.74 8.82 6.36
C ILE A 150 2.16 7.37 6.15
N HIS A 151 1.71 6.77 5.04
CA HIS A 151 1.87 5.36 4.76
C HIS A 151 3.33 4.89 4.68
N ARG A 152 4.11 5.44 3.71
CA ARG A 152 5.54 5.20 3.40
C ARG A 152 5.86 3.88 2.74
N ASP A 153 4.88 2.98 2.63
CA ASP A 153 5.10 1.70 2.01
C ASP A 153 3.93 1.25 1.12
N LEU A 154 3.36 2.18 0.36
CA LEU A 154 2.26 1.85 -0.54
C LEU A 154 2.83 1.04 -1.70
N LYS A 155 2.14 -0.06 -2.06
CA LYS A 155 2.60 -0.97 -3.11
C LYS A 155 1.41 -1.72 -3.71
N PRO A 156 1.49 -2.18 -4.96
CA PRO A 156 0.33 -2.81 -5.60
C PRO A 156 -0.24 -4.06 -4.93
N SER A 157 0.61 -4.90 -4.31
CA SER A 157 0.16 -6.12 -3.63
C SER A 157 -0.77 -5.78 -2.44
N ASN A 158 -0.73 -4.54 -1.91
CA ASN A 158 -1.62 -4.12 -0.82
C ASN A 158 -2.76 -3.24 -1.26
N ILE A 159 -3.08 -3.29 -2.56
CA ILE A 159 -4.17 -2.51 -3.14
C ILE A 159 -5.07 -3.47 -3.93
N VAL A 160 -6.38 -3.33 -3.75
CA VAL A 160 -7.38 -4.18 -4.39
C VAL A 160 -8.40 -3.39 -5.17
N VAL A 161 -8.96 -4.03 -6.20
CA VAL A 161 -9.89 -3.40 -7.12
C VAL A 161 -11.10 -4.29 -7.39
N LYS A 162 -12.20 -3.69 -7.80
CA LYS A 162 -13.40 -4.40 -8.19
C LYS A 162 -13.48 -4.26 -9.68
N SER A 163 -14.34 -5.10 -10.34
CA SER A 163 -14.56 -5.05 -11.80
C SER A 163 -15.05 -3.69 -12.28
N ASP A 164 -15.79 -2.96 -11.41
CA ASP A 164 -16.32 -1.62 -11.69
C ASP A 164 -15.22 -0.54 -11.57
N CYS A 165 -13.94 -0.97 -11.43
CA CYS A 165 -12.76 -0.10 -11.34
C CYS A 165 -12.66 0.63 -9.98
N THR A 166 -13.43 0.18 -8.96
CA THR A 166 -13.29 0.80 -7.63
C THR A 166 -12.09 0.19 -6.92
N LEU A 167 -11.44 0.97 -6.05
CA LEU A 167 -10.17 0.61 -5.46
C LEU A 167 -10.12 0.79 -3.95
N LYS A 168 -9.37 -0.06 -3.24
CA LYS A 168 -9.14 0.12 -1.82
C LYS A 168 -7.70 -0.20 -1.47
N ILE A 169 -7.16 0.58 -0.54
CA ILE A 169 -5.82 0.39 0.02
C ILE A 169 -6.04 -0.52 1.24
N LEU A 170 -5.25 -1.60 1.36
CA LEU A 170 -5.50 -2.57 2.45
C LEU A 170 -4.71 -2.41 3.73
N ASP A 171 -3.62 -1.63 3.72
CA ASP A 171 -2.75 -1.53 4.89
C ASP A 171 -2.46 -0.09 5.30
N PHE A 172 -1.69 0.11 6.40
CA PHE A 172 -1.40 1.44 6.94
C PHE A 172 0.07 1.77 6.98
N GLY A 173 0.85 0.98 6.28
CA GLY A 173 2.26 1.20 6.06
C GLY A 173 3.18 0.93 7.21
N LEU A 174 4.22 1.75 7.28
CA LEU A 174 5.34 1.63 8.20
C LEU A 174 5.07 2.15 9.60
N ALA A 175 5.67 1.47 10.60
CA ALA A 175 5.57 1.87 12.01
C ALA A 175 6.25 3.24 12.15
N ARG A 176 5.71 4.07 13.06
CA ARG A 176 6.22 5.42 13.33
C ARG A 176 7.44 5.42 14.26
N THR A 177 8.14 4.26 14.37
CA THR A 177 9.35 4.10 15.18
C THR A 177 10.45 3.45 14.32
N ALA A 178 10.31 2.12 14.04
CA ALA A 178 11.27 1.34 13.26
C ALA A 178 11.21 1.69 11.77
N SER A 181 14.45 -4.69 13.46
CA SER A 181 13.46 -5.62 12.91
C SER A 181 14.13 -6.84 12.27
N PHE A 182 13.48 -8.01 12.37
CA PHE A 182 13.96 -9.30 11.86
C PHE A 182 12.83 -10.32 11.68
N MET A 183 12.94 -11.17 10.62
CA MET A 183 11.97 -12.21 10.28
C MET A 183 12.64 -13.55 9.94
N MET A 184 12.17 -14.64 10.57
CA MET A 184 12.66 -16.00 10.30
C MET A 184 11.95 -16.60 9.07
N THR A 185 10.81 -15.99 8.69
CA THR A 185 9.97 -16.38 7.57
C THR A 185 10.75 -16.24 6.24
N PRO A 186 10.64 -17.21 5.29
CA PRO A 186 11.40 -17.09 4.03
C PRO A 186 10.90 -16.02 3.04
N TYR A 187 9.90 -15.21 3.45
CA TYR A 187 9.32 -14.13 2.64
C TYR A 187 10.24 -12.89 2.57
N VAL A 188 10.16 -12.17 1.45
CA VAL A 188 10.92 -10.93 1.24
C VAL A 188 9.95 -9.76 1.17
N VAL A 189 10.31 -8.64 1.80
CA VAL A 189 9.49 -7.42 1.77
C VAL A 189 9.77 -6.72 0.41
N THR A 190 8.70 -6.34 -0.32
CA THR A 190 8.81 -5.64 -1.60
C THR A 190 9.14 -4.17 -1.26
N ARG A 191 10.31 -3.69 -1.71
CA ARG A 191 10.79 -2.34 -1.39
C ARG A 191 10.83 -1.38 -2.58
N TYR A 192 10.56 -1.88 -3.79
CA TYR A 192 10.68 -1.12 -5.04
C TYR A 192 9.87 0.17 -5.16
N TYR A 193 8.82 0.35 -4.32
CA TYR A 193 7.90 1.50 -4.39
C TYR A 193 8.20 2.55 -3.31
N ARG A 194 9.28 2.30 -2.51
CA ARG A 194 9.67 3.21 -1.46
C ARG A 194 10.35 4.44 -1.96
N ALA A 195 10.06 5.58 -1.32
CA ALA A 195 10.61 6.87 -1.71
C ALA A 195 12.09 6.98 -1.37
N PRO A 196 12.85 7.84 -2.07
CA PRO A 196 14.27 8.04 -1.70
C PRO A 196 14.47 8.40 -0.22
N GLU A 197 13.52 9.13 0.39
CA GLU A 197 13.60 9.50 1.80
C GLU A 197 13.52 8.29 2.72
N VAL A 198 12.87 7.21 2.24
CA VAL A 198 12.81 5.95 2.97
C VAL A 198 14.07 5.17 2.67
N ILE A 199 14.43 5.03 1.38
CA ILE A 199 15.65 4.33 0.96
C ILE A 199 16.89 4.89 1.71
N LEU A 200 17.00 6.22 1.81
CA LEU A 200 18.14 6.91 2.40
C LEU A 200 18.00 7.35 3.88
N GLY A 201 16.93 6.93 4.57
CA GLY A 201 16.64 7.25 5.97
C GLY A 201 16.71 8.72 6.27
N MET A 202 15.88 9.50 5.56
CA MET A 202 15.93 10.95 5.57
C MET A 202 15.01 11.77 6.45
N GLY A 203 13.82 11.30 6.70
CA GLY A 203 12.85 12.21 7.31
C GLY A 203 11.93 12.57 6.16
N TYR A 204 10.64 12.65 6.43
CA TYR A 204 9.65 12.76 5.36
C TYR A 204 8.42 13.56 5.80
N LYS A 205 7.61 13.90 4.81
CA LYS A 205 6.32 14.55 4.95
C LYS A 205 5.33 13.72 4.09
N GLU A 206 4.08 14.16 4.04
CA GLU A 206 3.00 13.52 3.30
C GLU A 206 3.37 13.07 1.87
N ASN A 207 4.11 13.89 1.09
CA ASN A 207 4.41 13.55 -0.31
C ASN A 207 5.44 12.39 -0.48
N VAL A 208 5.86 11.73 0.63
CA VAL A 208 6.68 10.51 0.55
C VAL A 208 5.83 9.46 -0.26
N ASP A 209 4.49 9.46 -0.05
CA ASP A 209 3.53 8.55 -0.68
C ASP A 209 3.31 8.83 -2.17
N ILE A 210 3.64 10.06 -2.61
CA ILE A 210 3.51 10.47 -4.02
C ILE A 210 4.51 9.69 -4.88
N TRP A 211 5.74 9.48 -4.34
CA TRP A 211 6.74 8.69 -5.05
C TRP A 211 6.17 7.30 -5.37
N SER A 212 5.55 6.65 -4.38
CA SER A 212 4.97 5.32 -4.53
C SER A 212 3.87 5.29 -5.60
N VAL A 213 3.00 6.30 -5.60
CA VAL A 213 1.98 6.44 -6.65
C VAL A 213 2.66 6.56 -8.05
N GLY A 214 3.77 7.33 -8.12
CA GLY A 214 4.53 7.55 -9.35
C GLY A 214 5.10 6.23 -9.87
N CYS A 215 5.67 5.41 -8.95
CA CYS A 215 6.22 4.08 -9.23
C CYS A 215 5.13 3.15 -9.79
N ILE A 216 3.93 3.18 -9.21
CA ILE A 216 2.80 2.36 -9.66
C ILE A 216 2.34 2.81 -11.01
N MET A 217 2.16 4.14 -11.16
CA MET A 217 1.71 4.72 -12.43
C MET A 217 2.70 4.41 -13.55
N GLY A 218 3.99 4.53 -13.26
CA GLY A 218 5.05 4.24 -14.21
C GLY A 218 5.02 2.81 -14.70
N GLU A 219 4.81 1.86 -13.76
CA GLU A 219 4.75 0.43 -14.04
C GLU A 219 3.50 0.08 -14.87
N MET A 220 2.37 0.78 -14.65
CA MET A 220 1.13 0.59 -15.43
C MET A 220 1.40 0.88 -16.90
N VAL A 221 2.21 1.89 -17.16
CA VAL A 221 2.57 2.37 -18.49
C VAL A 221 3.68 1.47 -19.08
N ARG A 222 4.75 1.21 -18.32
CA ARG A 222 5.95 0.49 -18.80
C ARG A 222 5.83 -1.03 -18.75
N HIS A 223 4.95 -1.55 -17.86
CA HIS A 223 4.72 -2.97 -17.57
C HIS A 223 5.99 -3.68 -17.04
N LYS A 224 6.85 -2.90 -16.38
CA LYS A 224 8.09 -3.37 -15.76
C LYS A 224 8.28 -2.52 -14.50
N ILE A 225 8.75 -3.13 -13.40
CA ILE A 225 9.03 -2.42 -12.15
C ILE A 225 10.05 -1.31 -12.50
N LEU A 226 9.77 -0.06 -12.10
CA LEU A 226 10.68 1.06 -12.43
C LEU A 226 12.01 0.97 -11.72
N PHE A 227 11.99 0.69 -10.40
CA PHE A 227 13.23 0.68 -9.62
C PHE A 227 13.48 -0.67 -8.93
N PRO A 228 13.86 -1.73 -9.69
CA PRO A 228 14.10 -3.04 -9.07
C PRO A 228 15.47 -3.10 -8.42
N GLY A 229 15.76 -4.22 -7.75
CA GLY A 229 17.07 -4.45 -7.14
C GLY A 229 17.04 -5.40 -5.96
N ARG A 230 18.19 -6.09 -5.69
CA ARG A 230 18.37 -7.04 -4.58
C ARG A 230 18.09 -6.34 -3.25
N ASP A 231 18.61 -5.10 -3.06
CA ASP A 231 18.35 -4.28 -1.88
C ASP A 231 18.50 -2.81 -2.25
N TYR A 232 18.52 -1.89 -1.26
CA TYR A 232 18.58 -0.46 -1.53
C TYR A 232 19.75 0.00 -2.41
N ILE A 233 20.91 -0.69 -2.39
CA ILE A 233 22.06 -0.33 -3.21
C ILE A 233 21.70 -0.38 -4.71
N ASP A 234 21.24 -1.55 -5.17
CA ASP A 234 20.82 -1.75 -6.58
C ASP A 234 19.66 -0.81 -6.92
N GLN A 235 18.67 -0.70 -5.99
CA GLN A 235 17.50 0.16 -6.19
C GLN A 235 17.90 1.62 -6.39
N TRP A 236 18.81 2.15 -5.56
CA TRP A 236 19.26 3.54 -5.69
C TRP A 236 19.91 3.74 -7.06
N ASN A 237 20.70 2.76 -7.52
CA ASN A 237 21.38 2.81 -8.83
C ASN A 237 20.34 3.00 -9.94
N LYS A 238 19.26 2.22 -9.89
CA LYS A 238 18.15 2.32 -10.84
C LYS A 238 17.48 3.70 -10.87
N VAL A 239 17.29 4.33 -9.69
CA VAL A 239 16.67 5.65 -9.54
C VAL A 239 17.53 6.73 -10.23
N ILE A 240 18.83 6.76 -9.90
CA ILE A 240 19.78 7.75 -10.43
C ILE A 240 20.09 7.53 -11.91
N GLU A 241 20.18 6.29 -12.40
CA GLU A 241 20.45 6.04 -13.81
C GLU A 241 19.34 6.62 -14.70
N GLN A 242 18.08 6.50 -14.24
CA GLN A 242 16.90 6.92 -14.97
C GLN A 242 16.53 8.38 -14.78
N LEU A 243 16.57 8.86 -13.52
CA LEU A 243 16.21 10.23 -13.16
C LEU A 243 17.38 11.20 -13.05
N GLY A 244 18.59 10.67 -12.97
CA GLY A 244 19.80 11.48 -12.85
C GLY A 244 20.16 11.76 -11.40
N THR A 245 21.45 11.97 -11.15
CA THR A 245 21.96 12.30 -9.82
C THR A 245 21.20 13.53 -9.28
N PRO A 246 20.68 13.49 -8.02
CA PRO A 246 19.98 14.68 -7.50
C PRO A 246 20.88 15.93 -7.32
N CYS A 247 20.25 17.13 -7.24
CA CYS A 247 20.91 18.43 -7.07
C CYS A 247 21.62 18.58 -5.71
N PRO A 248 22.57 19.57 -5.58
CA PRO A 248 23.26 19.76 -4.30
C PRO A 248 22.33 20.03 -3.13
N GLU A 249 21.23 20.78 -3.38
CA GLU A 249 20.20 21.12 -2.39
C GLU A 249 19.65 19.85 -1.73
N PHE A 250 19.48 18.76 -2.52
CA PHE A 250 19.00 17.47 -1.99
C PHE A 250 20.00 16.85 -1.00
N MET A 251 21.27 16.74 -1.41
CA MET A 251 22.40 16.19 -0.63
C MET A 251 22.49 16.73 0.81
N LYS A 252 22.30 18.07 1.01
CA LYS A 252 22.36 18.76 2.32
C LYS A 252 21.42 18.18 3.39
N LYS A 253 20.25 17.66 2.98
CA LYS A 253 19.26 17.07 3.88
C LYS A 253 19.59 15.60 4.26
N LEU A 254 20.69 15.03 3.70
CA LEU A 254 21.08 13.65 3.97
C LEU A 254 21.98 13.57 5.20
N GLN A 255 21.89 12.48 6.02
CA GLN A 255 22.78 12.26 7.16
C GLN A 255 24.23 12.20 6.63
N PRO A 256 25.28 12.58 7.41
CA PRO A 256 26.63 12.66 6.81
C PRO A 256 27.19 11.41 6.14
N THR A 257 26.93 10.21 6.69
CA THR A 257 27.41 8.95 6.12
C THR A 257 26.69 8.59 4.81
N VAL A 258 25.35 8.65 4.79
CA VAL A 258 24.57 8.38 3.56
C VAL A 258 24.89 9.43 2.48
N ARG A 259 25.10 10.70 2.90
CA ARG A 259 25.51 11.81 2.03
C ARG A 259 26.81 11.43 1.28
N ASN A 260 27.84 10.94 2.02
CA ASN A 260 29.13 10.55 1.43
C ASN A 260 28.96 9.47 0.37
N TYR A 261 28.22 8.39 0.70
CA TYR A 261 27.94 7.28 -0.23
C TYR A 261 27.21 7.77 -1.47
N VAL A 262 26.17 8.62 -1.32
CA VAL A 262 25.36 9.14 -2.44
C VAL A 262 26.21 10.03 -3.39
N GLU A 263 27.02 10.95 -2.82
CA GLU A 263 27.86 11.83 -3.65
C GLU A 263 29.01 11.07 -4.32
N ASN A 264 29.48 9.93 -3.72
CA ASN A 264 30.57 9.16 -4.31
C ASN A 264 30.10 8.07 -5.28
N ARG A 265 28.79 8.00 -5.58
CA ARG A 265 28.25 7.10 -6.59
C ARG A 265 28.54 7.76 -7.97
N PRO A 266 28.74 6.96 -9.06
CA PRO A 266 28.97 7.57 -10.39
C PRO A 266 27.85 8.54 -10.77
N LYS A 267 28.21 9.69 -11.35
CA LYS A 267 27.24 10.71 -11.75
C LYS A 267 26.47 10.29 -12.99
N TYR A 268 25.16 10.63 -13.02
CA TYR A 268 24.25 10.34 -14.15
C TYR A 268 23.44 11.57 -14.51
N ALA A 269 23.34 11.86 -15.82
CA ALA A 269 22.54 12.97 -16.32
C ALA A 269 21.06 12.62 -16.19
N GLY A 270 20.72 11.34 -16.42
CA GLY A 270 19.37 10.85 -16.37
C GLY A 270 18.59 11.14 -17.63
N LEU A 271 17.73 10.20 -18.00
CA LEU A 271 16.85 10.24 -19.18
C LEU A 271 15.72 11.25 -19.00
N THR A 272 15.25 11.88 -20.10
CA THR A 272 14.12 12.81 -20.01
C THR A 272 12.84 11.95 -19.90
N PHE A 273 11.70 12.55 -19.52
CA PHE A 273 10.46 11.77 -19.37
C PHE A 273 9.92 11.23 -20.70
N PRO A 274 10.05 11.93 -21.86
CA PRO A 274 9.61 11.30 -23.11
C PRO A 274 10.46 10.07 -23.45
N LYS A 275 11.73 10.06 -23.06
CA LYS A 275 12.62 8.93 -23.26
C LYS A 275 12.23 7.81 -22.29
N LEU A 276 11.95 8.18 -21.02
CA LEU A 276 11.54 7.25 -19.98
C LEU A 276 10.24 6.56 -20.28
N PHE A 277 9.24 7.32 -20.79
CA PHE A 277 7.90 6.84 -21.12
C PHE A 277 7.49 7.29 -22.55
N PRO A 278 8.02 6.61 -23.60
CA PRO A 278 7.69 7.00 -24.99
C PRO A 278 6.21 6.92 -25.36
N ASP A 279 5.82 7.59 -26.48
CA ASP A 279 4.45 7.60 -26.98
C ASP A 279 3.89 6.22 -27.27
N SER A 280 4.77 5.26 -27.60
CA SER A 280 4.46 3.84 -27.88
C SER A 280 3.71 3.14 -26.74
N LEU A 281 3.98 3.57 -25.50
CA LEU A 281 3.36 2.96 -24.32
C LEU A 281 1.98 3.53 -24.04
N PHE A 282 1.57 4.56 -24.76
CA PHE A 282 0.30 5.22 -24.49
C PHE A 282 -0.74 5.08 -25.59
N PRO A 283 -2.04 4.94 -25.20
CA PRO A 283 -3.11 5.08 -26.20
C PRO A 283 -2.96 6.55 -26.63
N ALA A 284 -2.51 6.73 -27.88
CA ALA A 284 -2.23 8.03 -28.45
C ALA A 284 -2.55 8.05 -29.97
N ASP A 285 -3.73 7.50 -30.33
CA ASP A 285 -4.29 7.41 -31.69
C ASP A 285 -5.19 8.62 -32.02
N SER A 286 -6.25 8.85 -31.21
CA SER A 286 -7.17 9.98 -31.31
C SER A 286 -6.50 11.23 -30.69
N GLU A 287 -7.04 12.42 -31.00
CA GLU A 287 -6.54 13.66 -30.41
C GLU A 287 -6.75 13.62 -28.89
N HIS A 288 -7.91 13.10 -28.45
CA HIS A 288 -8.21 12.92 -27.02
C HIS A 288 -7.08 12.12 -26.34
N ASN A 289 -6.70 10.97 -26.95
CA ASN A 289 -5.64 10.12 -26.39
C ASN A 289 -4.25 10.76 -26.47
N LYS A 290 -4.01 11.55 -27.52
CA LYS A 290 -2.73 12.26 -27.65
C LYS A 290 -2.53 13.23 -26.49
N LEU A 291 -3.59 13.98 -26.11
CA LEU A 291 -3.56 14.96 -25.03
C LEU A 291 -3.46 14.26 -23.69
N LYS A 292 -4.25 13.18 -23.49
CA LYS A 292 -4.15 12.42 -22.24
C LYS A 292 -2.76 11.82 -22.03
N ALA A 293 -2.07 11.39 -23.12
CA ALA A 293 -0.70 10.84 -23.04
C ALA A 293 0.28 11.91 -22.57
N SER A 294 0.11 13.16 -23.07
CA SER A 294 0.93 14.34 -22.71
C SER A 294 0.73 14.67 -21.23
N GLN A 295 -0.54 14.65 -20.77
CA GLN A 295 -0.90 14.92 -19.35
C GLN A 295 -0.40 13.83 -18.42
N ALA A 296 -0.51 12.55 -18.87
CA ALA A 296 -0.05 11.40 -18.06
C ALA A 296 1.46 11.51 -17.81
N ARG A 297 2.26 11.77 -18.88
CA ARG A 297 3.71 11.94 -18.76
C ARG A 297 4.09 13.14 -17.88
N ASP A 298 3.32 14.26 -18.01
CA ASP A 298 3.55 15.45 -17.18
C ASP A 298 3.40 15.09 -15.69
N LEU A 299 2.33 14.35 -15.32
CA LEU A 299 2.10 13.94 -13.95
C LEU A 299 3.23 13.05 -13.43
N LEU A 300 3.64 12.04 -14.23
CA LEU A 300 4.76 11.15 -13.91
C LEU A 300 6.02 11.97 -13.65
N SER A 301 6.30 13.03 -14.46
CA SER A 301 7.47 13.89 -14.27
C SER A 301 7.41 14.68 -12.96
N LYS A 302 6.20 14.87 -12.40
CA LYS A 302 6.04 15.63 -11.14
C LYS A 302 6.05 14.70 -9.91
N MET A 303 5.74 13.42 -10.13
CA MET A 303 5.71 12.41 -9.07
C MET A 303 7.04 11.72 -8.88
N LEU A 304 7.69 11.36 -9.99
CA LEU A 304 9.01 10.71 -9.92
C LEU A 304 10.09 11.78 -9.85
N VAL A 305 10.14 12.46 -8.71
CA VAL A 305 11.09 13.53 -8.44
C VAL A 305 11.81 13.11 -7.17
N ILE A 306 13.15 12.93 -7.25
CA ILE A 306 14.00 12.47 -6.12
C ILE A 306 13.84 13.38 -4.92
N ASP A 307 14.05 14.68 -5.10
CA ASP A 307 13.95 15.63 -4.01
C ASP A 307 12.48 15.87 -3.64
N PRO A 308 12.07 15.52 -2.38
CA PRO A 308 10.68 15.76 -1.96
C PRO A 308 10.28 17.22 -1.91
N ALA A 309 11.26 18.15 -1.76
CA ALA A 309 11.00 19.60 -1.79
C ALA A 309 10.46 20.02 -3.16
N LYS A 310 10.81 19.26 -4.25
CA LYS A 310 10.39 19.55 -5.64
C LYS A 310 9.33 18.58 -6.21
N ARG A 311 8.93 17.60 -5.41
CA ARG A 311 7.91 16.59 -5.74
C ARG A 311 6.53 17.21 -5.51
N ILE A 312 5.60 16.88 -6.40
CA ILE A 312 4.22 17.36 -6.33
C ILE A 312 3.56 16.87 -5.02
N SER A 313 2.60 17.63 -4.51
CA SER A 313 1.88 17.26 -3.29
C SER A 313 0.63 16.47 -3.66
N VAL A 314 -0.03 15.87 -2.65
CA VAL A 314 -1.26 15.11 -2.85
C VAL A 314 -2.35 16.06 -3.40
N ASP A 315 -2.51 17.25 -2.76
CA ASP A 315 -3.51 18.22 -3.21
C ASP A 315 -3.27 18.73 -4.65
N ASP A 316 -2.01 18.92 -5.02
CA ASP A 316 -1.70 19.40 -6.35
C ASP A 316 -1.83 18.29 -7.40
N ALA A 317 -1.53 17.03 -7.02
CA ALA A 317 -1.70 15.88 -7.91
C ALA A 317 -3.20 15.68 -8.19
N LEU A 318 -4.07 15.92 -7.15
CA LEU A 318 -5.53 15.79 -7.26
C LEU A 318 -6.12 16.86 -8.17
N GLN A 319 -5.45 18.02 -8.22
CA GLN A 319 -5.83 19.13 -9.09
C GLN A 319 -5.20 19.02 -10.50
N HIS A 320 -4.30 18.02 -10.73
CA HIS A 320 -3.66 17.82 -12.04
C HIS A 320 -4.68 17.49 -13.15
N PRO A 321 -4.56 18.10 -14.36
CA PRO A 321 -5.50 17.80 -15.47
C PRO A 321 -5.76 16.32 -15.75
N TYR A 322 -4.76 15.45 -15.51
CA TYR A 322 -4.93 14.02 -15.78
C TYR A 322 -5.90 13.39 -14.79
N ILE A 323 -5.93 13.92 -13.56
CA ILE A 323 -6.70 13.36 -12.45
C ILE A 323 -8.00 14.09 -12.15
N ASN A 324 -8.03 15.45 -12.28
CA ASN A 324 -9.13 16.30 -11.82
C ASN A 324 -10.48 16.06 -12.50
N VAL A 325 -10.52 15.30 -13.62
CA VAL A 325 -11.78 14.97 -14.32
C VAL A 325 -12.73 14.12 -13.41
N TRP A 326 -12.16 13.44 -12.40
CA TRP A 326 -12.89 12.62 -11.44
C TRP A 326 -13.27 13.37 -10.16
N TYR A 327 -12.69 14.57 -9.95
CA TYR A 327 -12.88 15.38 -8.75
C TYR A 327 -14.33 15.54 -8.31
N ASP A 328 -14.55 15.33 -7.01
CA ASP A 328 -15.81 15.45 -6.31
C ASP A 328 -15.48 15.82 -4.85
N PRO A 329 -16.03 16.94 -4.30
CA PRO A 329 -15.67 17.34 -2.92
C PRO A 329 -16.06 16.36 -1.81
N ALA A 330 -17.17 15.61 -2.00
CA ALA A 330 -17.68 14.62 -1.05
C ALA A 330 -16.70 13.47 -0.77
N GLU A 331 -15.81 13.15 -1.74
CA GLU A 331 -14.82 12.05 -1.65
C GLU A 331 -13.35 12.51 -1.47
N VAL A 332 -13.07 13.80 -1.73
CA VAL A 332 -11.73 14.38 -1.57
C VAL A 332 -11.51 14.78 -0.09
N GLU A 333 -12.60 15.13 0.62
CA GLU A 333 -12.55 15.50 2.04
C GLU A 333 -13.63 14.77 2.88
N ALA A 334 -13.16 13.95 3.85
CA ALA A 334 -13.96 13.19 4.79
C ALA A 334 -13.51 13.54 6.23
N PRO A 335 -14.45 13.85 7.17
CA PRO A 335 -14.05 14.25 8.53
C PRO A 335 -13.00 13.37 9.22
N PRO A 336 -11.79 13.93 9.50
CA PRO A 336 -10.73 13.14 10.12
C PRO A 336 -10.68 13.26 11.66
N PRO A 337 -10.92 12.16 12.42
CA PRO A 337 -10.86 12.28 13.88
C PRO A 337 -9.43 12.15 14.42
N GLN A 343 -4.14 6.75 23.21
CA GLN A 343 -4.63 6.90 21.85
C GLN A 343 -3.58 6.46 20.81
N LEU A 344 -2.33 6.94 20.96
CA LEU A 344 -1.22 6.61 20.06
C LEU A 344 -0.19 5.71 20.75
N ASP A 345 0.12 4.55 20.13
CA ASP A 345 1.07 3.57 20.65
C ASP A 345 2.37 3.53 19.84
N GLU A 346 3.52 3.59 20.56
CA GLU A 346 4.89 3.58 20.02
C GLU A 346 5.81 2.91 21.07
N ARG A 347 5.59 1.61 21.38
CA ARG A 347 6.38 0.93 22.42
C ARG A 347 6.85 -0.49 22.08
N GLU A 348 7.97 -0.89 22.72
CA GLU A 348 8.53 -2.23 22.66
C GLU A 348 7.79 -3.06 23.72
N HIS A 349 7.40 -4.32 23.37
CA HIS A 349 6.65 -5.21 24.26
C HIS A 349 7.10 -6.65 24.07
N THR A 350 6.89 -7.45 25.11
CA THR A 350 7.18 -8.88 25.11
C THR A 350 6.02 -9.59 24.37
N ILE A 351 6.16 -10.91 24.14
CA ILE A 351 5.12 -11.72 23.53
C ILE A 351 3.81 -11.63 24.34
N GLU A 352 3.88 -11.87 25.67
CA GLU A 352 2.74 -11.83 26.60
C GLU A 352 2.00 -10.49 26.56
N GLU A 353 2.74 -9.37 26.59
CA GLU A 353 2.14 -8.03 26.52
C GLU A 353 1.36 -7.83 25.20
N TRP A 354 2.01 -8.13 24.07
CA TRP A 354 1.38 -8.01 22.75
C TRP A 354 0.16 -8.92 22.58
N LYS A 355 0.22 -10.13 23.12
CA LYS A 355 -0.89 -11.08 23.04
C LYS A 355 -2.15 -10.50 23.70
N GLU A 356 -2.00 -9.86 24.88
CA GLU A 356 -3.10 -9.25 25.61
C GLU A 356 -3.58 -7.98 24.93
N LEU A 357 -2.64 -7.13 24.45
CA LEU A 357 -3.02 -5.91 23.74
C LEU A 357 -3.86 -6.27 22.53
N ILE A 358 -3.41 -7.27 21.76
CA ILE A 358 -4.16 -7.74 20.58
C ILE A 358 -5.52 -8.34 21.00
N TYR A 359 -5.51 -9.30 21.92
CA TYR A 359 -6.76 -9.96 22.39
C TYR A 359 -7.84 -8.95 22.80
N LYS A 360 -7.47 -7.91 23.61
CA LYS A 360 -8.46 -6.93 24.05
C LYS A 360 -8.96 -6.06 22.87
N GLU A 361 -8.17 -5.86 21.79
CA GLU A 361 -8.65 -5.15 20.58
C GLU A 361 -9.69 -5.99 19.86
N VAL A 362 -9.42 -7.32 19.74
CA VAL A 362 -10.30 -8.32 19.12
C VAL A 362 -11.62 -8.35 19.94
N MET A 363 -11.52 -8.45 21.29
CA MET A 363 -12.69 -8.46 22.20
C MET A 363 -12.96 -6.99 22.61
N ASN A 364 -13.43 -6.18 21.66
CA ASN A 364 -13.72 -4.75 21.82
C ASN A 364 -14.59 -4.41 23.05
C13 3HJ B . -9.82 -11.19 -4.27
C15 3HJ B . -8.23 -9.71 -1.46
N20 3HJ B . -6.57 -8.83 2.60
C21 3HJ B . -7.47 -8.58 3.72
C23 3HJ B . -8.00 -7.48 5.79
C24 3HJ B . -9.16 -8.26 5.92
C25 3HJ B . -9.45 -9.27 4.99
C27 3HJ B . -10.18 -8.80 -0.79
C29 3HJ B . -13.27 -14.52 -5.93
C30 3HJ B . -14.45 -15.17 -6.18
C01 3HJ B . -16.73 -12.39 -7.14
C02 3HJ B . -15.50 -13.12 -6.72
C03 3HJ B . -14.32 -12.43 -6.50
C04 3HJ B . -13.18 -13.14 -6.13
N05 3HJ B . -11.95 -12.41 -5.77
C06 3HJ B . -10.61 -12.74 -6.06
O07 3HJ B . -10.30 -13.70 -6.74
C08 3HJ B . -9.55 -11.83 -5.48
C09 3HJ B . -8.27 -11.73 -6.06
C10 3HJ B . -7.27 -10.93 -5.46
C11 3HJ B . -7.57 -10.23 -4.30
C12 3HJ B . -8.86 -10.33 -3.69
N14 3HJ B . -9.11 -9.73 -2.49
C16 3HJ B . -8.86 -9.07 -0.39
N17 3HJ B . -8.33 -8.84 0.88
C18 3HJ B . -7.00 -9.00 1.24
O19 3HJ B . -6.21 -9.34 0.42
C22 3HJ B . -7.14 -7.64 4.71
C26 3HJ B . -8.62 -9.40 3.88
N28 3HJ B . -10.32 -9.27 -2.01
N31 3HJ B . -15.56 -14.45 -6.56
#